data_3RSQ
#
_entry.id   3RSQ
#
_cell.length_a   122.189
_cell.length_b   122.189
_cell.length_c   155.439
_cell.angle_alpha   90.00
_cell.angle_beta   90.00
_cell.angle_gamma   90.00
#
_symmetry.space_group_name_H-M   'I 4 2 2'
#
loop_
_entity.id
_entity.type
_entity.pdbx_description
1 polymer 'Putative uncharacterized protein'
2 polymer 'Unknown peptide, probably from expression host'
3 non-polymer 'POTASSIUM ION'
4 non-polymer '1,4-DIHYDRONICOTINAMIDE ADENINE DINUCLEOTIDE'
5 non-polymer 'BETA-6-HYDROXY-1,4,5,6-TETRHYDRONICOTINAMIDE ADENINE DINUCLEOTIDE'
6 water water
#
loop_
_entity_poly.entity_id
_entity_poly.type
_entity_poly.pdbx_seq_one_letter_code
_entity_poly.pdbx_strand_id
1 'polypeptide(L)'
;MGSDKIHHHHHHMKEIDELTIKEYGVDSRILMERAGISVVLAMEEELGNLSDYRFLVLCGGGNNGGDGFVVARNLLGVVK
DVLVVFLGKKKTPDCEYNYGLYKKFGGKVVEQFEPSILNEFDVVVDAIFGTGLRGEITGEYAEIINLVNKSGKVVVSVDV
PSGIDSNTGKVLRTAVKADLTVTFGVPKIGHILFPGRDLTGKLKVANIGHPVHLINSINRYVITREMVRSLLPERPRDSH
KGTYGKVLIIAGSRLYSGAPVLSGMGSLKVGTGLVKLAVPFPQNLIATSRFPELISVPIDTEKGFFSLQNLQECLELSKD
VDVVAIGPGLGNNEHVREFVNEFLKTLEKPAVIDADAINVLDTSVLKERKSPAVLTPHPGEMARLVKKTVGDVKYNYELA
EEFAKENDCVLVLKSATTIVTDGEKTLFNITGNTGLSKGGSGDVLTGMIAGFIAQGLSPLEASTVSVYLHGFAAELFEQD
ERGLTASELLRLIPEAIRRLKE
;
A
2 'polypeptide(L)' AWLFEA B
#
# COMPACT_ATOMS: atom_id res chain seq x y z
N HIS A 12 9.99 4.23 14.06
CA HIS A 12 10.67 2.92 14.24
C HIS A 12 10.15 2.24 15.51
N MET A 13 9.81 0.96 15.38
CA MET A 13 9.60 0.09 16.54
C MET A 13 10.81 0.07 17.51
N LYS A 14 12.02 0.31 16.99
CA LYS A 14 13.20 0.34 17.86
C LYS A 14 13.11 1.46 18.90
N GLU A 15 12.78 2.67 18.44
CA GLU A 15 12.49 3.79 19.33
C GLU A 15 11.42 3.40 20.33
N ILE A 16 10.40 2.66 19.87
CA ILE A 16 9.24 2.30 20.71
C ILE A 16 9.58 1.25 21.76
N ASP A 17 10.28 0.20 21.35
CA ASP A 17 10.82 -0.73 22.34
C ASP A 17 11.68 0.00 23.38
N GLU A 18 12.63 0.84 22.93
CA GLU A 18 13.54 1.50 23.87
C GLU A 18 12.82 2.37 24.89
N LEU A 19 11.88 3.18 24.43
CA LEU A 19 11.16 4.06 25.32
C LEU A 19 10.35 3.22 26.31
N THR A 20 9.73 2.14 25.82
CA THR A 20 8.89 1.31 26.66
C THR A 20 9.71 0.64 27.77
N ILE A 21 10.91 0.23 27.44
CA ILE A 21 11.86 -0.29 28.44
C ILE A 21 12.45 0.82 29.36
N LYS A 22 13.10 1.81 28.76
CA LYS A 22 13.92 2.77 29.52
C LYS A 22 13.11 3.87 30.23
N GLU A 23 12.03 4.34 29.61
CA GLU A 23 11.23 5.40 30.21
C GLU A 23 10.00 4.87 30.88
N TYR A 24 9.27 3.95 30.27
CA TYR A 24 8.08 3.40 30.96
C TYR A 24 8.45 2.33 31.99
N GLY A 25 9.57 1.66 31.82
CA GLY A 25 10.04 0.72 32.85
C GLY A 25 9.62 -0.72 32.71
N VAL A 26 9.08 -1.09 31.56
CA VAL A 26 8.76 -2.48 31.27
C VAL A 26 10.04 -3.27 31.01
N ASP A 27 10.33 -4.26 31.82
CA ASP A 27 11.47 -5.15 31.62
C ASP A 27 11.49 -5.70 30.19
N SER A 28 12.67 -5.66 29.57
CA SER A 28 12.81 -6.14 28.20
C SER A 28 12.38 -7.61 28.13
N ARG A 29 12.64 -8.37 29.20
CA ARG A 29 12.28 -9.77 29.21
C ARG A 29 10.75 -9.99 29.12
N ILE A 30 9.97 -9.11 29.73
CA ILE A 30 8.49 -9.15 29.70
C ILE A 30 7.97 -8.90 28.27
N LEU A 31 8.54 -7.92 27.56
CA LEU A 31 8.22 -7.70 26.16
C LEU A 31 8.55 -8.93 25.32
N MET A 32 9.71 -9.52 25.55
CA MET A 32 10.12 -10.72 24.84
C MET A 32 9.16 -11.89 25.17
N GLU A 33 8.79 -12.06 26.44
CA GLU A 33 7.83 -13.13 26.74
C GLU A 33 6.46 -12.92 26.00
N ARG A 34 5.96 -11.69 26.08
CA ARG A 34 4.73 -11.31 25.38
C ARG A 34 4.84 -11.55 23.88
N ALA A 35 6.01 -11.28 23.27
CA ALA A 35 6.19 -11.49 21.87
C ALA A 35 6.05 -13.00 21.53
N GLY A 36 6.80 -13.81 22.24
CA GLY A 36 6.77 -15.24 22.03
C GLY A 36 5.40 -15.87 22.22
N ILE A 37 4.70 -15.55 23.28
CA ILE A 37 3.41 -16.14 23.44
C ILE A 37 2.42 -15.67 22.37
N SER A 38 2.56 -14.44 21.89
CA SER A 38 1.60 -13.99 20.86
C SER A 38 1.85 -14.85 19.58
N VAL A 39 3.08 -15.29 19.36
CA VAL A 39 3.35 -16.20 18.23
C VAL A 39 2.65 -17.57 18.41
N VAL A 40 2.70 -18.11 19.62
CA VAL A 40 2.03 -19.34 19.92
C VAL A 40 0.53 -19.25 19.68
N LEU A 41 -0.10 -18.19 20.18
CA LEU A 41 -1.57 -17.99 20.03
C LEU A 41 -1.96 -17.75 18.59
N ALA A 42 -1.10 -17.06 17.85
CA ALA A 42 -1.34 -16.80 16.43
C ALA A 42 -1.27 -18.13 15.66
N MET A 43 -0.33 -19.01 16.02
CA MET A 43 -0.22 -20.29 15.36
C MET A 43 -1.43 -21.15 15.63
N GLU A 44 -1.97 -21.06 16.84
CA GLU A 44 -3.10 -21.87 17.22
C GLU A 44 -4.39 -21.46 16.48
N GLU A 45 -4.59 -20.15 16.37
CA GLU A 45 -5.66 -19.54 15.62
C GLU A 45 -5.60 -19.98 14.17
N GLU A 46 -4.40 -20.12 13.63
CA GLU A 46 -4.23 -20.48 12.24
C GLU A 46 -4.21 -22.01 11.99
N LEU A 47 -3.63 -22.80 12.89
CA LEU A 47 -3.50 -24.24 12.70
C LEU A 47 -4.51 -25.06 13.49
N GLY A 48 -5.23 -24.43 14.42
CA GLY A 48 -6.11 -25.19 15.32
C GLY A 48 -5.20 -25.76 16.40
N ASN A 49 -5.64 -26.82 17.02
CA ASN A 49 -4.89 -27.44 18.08
C ASN A 49 -3.48 -27.82 17.65
N LEU A 50 -2.49 -27.42 18.46
CA LEU A 50 -1.08 -27.57 18.10
C LEU A 50 -0.51 -28.90 18.56
N SER A 51 -1.25 -29.63 19.36
CA SER A 51 -0.64 -30.73 20.08
C SER A 51 -0.14 -31.86 19.18
N ASP A 52 -0.68 -32.06 17.98
N ASP A 52 -0.71 -31.96 17.98
CA ASP A 52 -0.17 -33.16 17.15
CA ASP A 52 -0.38 -33.00 17.01
C ASP A 52 1.04 -32.76 16.30
C ASP A 52 0.65 -32.58 15.96
N TYR A 53 1.34 -31.46 16.21
CA TYR A 53 2.39 -30.97 15.31
C TYR A 53 3.79 -31.07 15.90
N ARG A 54 4.77 -31.20 15.01
CA ARG A 54 6.17 -31.18 15.36
C ARG A 54 6.80 -29.87 14.87
N PHE A 55 7.42 -29.13 15.79
CA PHE A 55 7.98 -27.79 15.51
C PHE A 55 9.52 -27.68 15.45
N LEU A 56 10.03 -27.07 14.38
CA LEU A 56 11.46 -26.76 14.22
C LEU A 56 11.63 -25.27 14.30
N VAL A 57 12.31 -24.83 15.35
CA VAL A 57 12.46 -23.42 15.63
C VAL A 57 13.88 -23.03 15.30
N LEU A 58 14.02 -22.13 14.34
CA LEU A 58 15.32 -21.67 13.90
C LEU A 58 15.59 -20.32 14.54
N CYS A 59 16.59 -20.26 15.42
CA CYS A 59 16.91 -19.06 16.18
C CYS A 59 18.27 -18.46 15.81
N GLY A 60 18.29 -17.15 15.53
CA GLY A 60 19.58 -16.42 15.38
C GLY A 60 20.00 -16.01 16.80
N GLY A 61 21.12 -15.31 16.89
CA GLY A 61 21.63 -14.90 18.19
C GLY A 61 21.11 -13.58 18.72
N GLY A 62 20.24 -12.92 17.95
CA GLY A 62 19.69 -11.64 18.34
C GLY A 62 18.39 -11.78 19.12
N ASN A 63 17.68 -10.67 19.28
CA ASN A 63 16.41 -10.70 20.01
C ASN A 63 15.27 -11.40 19.23
N ASN A 64 15.41 -11.50 17.89
CA ASN A 64 14.45 -12.24 17.11
C ASN A 64 14.57 -13.72 17.58
N GLY A 65 15.80 -14.22 17.62
CA GLY A 65 16.07 -15.58 18.12
C GLY A 65 15.56 -15.76 19.55
N GLY A 66 15.75 -14.75 20.40
CA GLY A 66 15.25 -14.77 21.79
C GLY A 66 13.71 -14.97 21.83
N ASP A 67 12.99 -14.23 20.98
CA ASP A 67 11.54 -14.47 20.78
C ASP A 67 11.29 -15.90 20.40
N GLY A 68 12.14 -16.40 19.52
CA GLY A 68 12.10 -17.80 19.09
C GLY A 68 12.21 -18.79 20.28
N PHE A 69 13.17 -18.57 21.15
CA PHE A 69 13.34 -19.39 22.33
C PHE A 69 12.12 -19.37 23.24
N VAL A 70 11.44 -18.22 23.32
CA VAL A 70 10.22 -18.12 24.10
C VAL A 70 9.15 -18.99 23.48
N VAL A 71 9.03 -18.90 22.15
CA VAL A 71 8.08 -19.78 21.44
C VAL A 71 8.37 -21.24 21.75
N ALA A 72 9.65 -21.64 21.59
CA ALA A 72 10.00 -23.05 21.75
C ALA A 72 9.71 -23.50 23.16
N ARG A 73 10.07 -22.69 24.14
CA ARG A 73 9.86 -23.07 25.52
C ARG A 73 8.38 -23.28 25.82
N ASN A 74 7.54 -22.38 25.37
CA ASN A 74 6.08 -22.49 25.55
C ASN A 74 5.42 -23.66 24.81
N LEU A 75 6.07 -24.26 23.82
CA LEU A 75 5.49 -25.45 23.16
C LEU A 75 5.88 -26.74 23.87
N LEU A 76 6.94 -26.69 24.67
CA LEU A 76 7.49 -27.89 25.29
C LEU A 76 6.44 -28.57 26.16
N GLY A 77 6.28 -29.88 25.97
CA GLY A 77 5.34 -30.63 26.73
C GLY A 77 3.92 -30.50 26.26
N VAL A 78 3.63 -29.61 25.31
CA VAL A 78 2.28 -29.45 24.83
C VAL A 78 2.13 -29.89 23.37
N VAL A 79 3.21 -30.03 22.62
CA VAL A 79 3.10 -30.46 21.23
C VAL A 79 3.85 -31.77 21.09
N LYS A 80 3.77 -32.40 19.93
CA LYS A 80 4.40 -33.67 19.75
C LYS A 80 5.91 -33.59 19.79
N ASP A 81 6.51 -32.53 19.23
CA ASP A 81 7.96 -32.38 19.30
C ASP A 81 8.39 -30.97 19.01
N VAL A 82 9.45 -30.54 19.69
CA VAL A 82 10.08 -29.26 19.50
C VAL A 82 11.59 -29.45 19.43
N LEU A 83 12.22 -28.85 18.43
CA LEU A 83 13.67 -28.77 18.33
C LEU A 83 14.06 -27.37 17.95
N VAL A 84 15.09 -26.83 18.60
CA VAL A 84 15.67 -25.56 18.20
C VAL A 84 16.99 -25.80 17.49
N VAL A 85 17.15 -25.21 16.32
CA VAL A 85 18.48 -25.11 15.69
C VAL A 85 18.98 -23.68 15.95
N PHE A 86 20.01 -23.55 16.77
CA PHE A 86 20.57 -22.26 17.03
C PHE A 86 21.70 -22.01 16.01
N LEU A 87 21.53 -20.98 15.20
CA LEU A 87 22.40 -20.67 14.08
C LEU A 87 23.36 -19.53 14.32
N GLY A 88 23.23 -18.81 15.41
CA GLY A 88 24.16 -17.72 15.68
C GLY A 88 25.49 -18.08 16.32
N LYS A 89 26.28 -17.04 16.57
CA LYS A 89 27.51 -17.17 17.32
C LYS A 89 27.16 -16.67 18.69
N LYS A 90 27.17 -15.36 18.93
CA LYS A 90 26.91 -14.87 20.29
C LYS A 90 25.39 -14.66 20.49
N LYS A 91 24.97 -14.57 21.74
CA LYS A 91 23.57 -14.31 22.10
C LYS A 91 23.44 -12.99 22.80
N THR A 92 22.44 -12.20 22.46
CA THR A 92 22.13 -11.01 23.26
C THR A 92 21.66 -11.46 24.65
N PRO A 93 21.66 -10.54 25.61
CA PRO A 93 21.28 -10.95 26.99
C PRO A 93 19.91 -11.57 27.12
N ASP A 94 18.92 -11.04 26.41
CA ASP A 94 17.58 -11.64 26.47
C ASP A 94 17.48 -12.94 25.74
N CYS A 95 18.24 -13.10 24.65
CA CYS A 95 18.26 -14.35 23.92
C CYS A 95 18.96 -15.39 24.79
N GLU A 96 20.02 -14.96 25.48
CA GLU A 96 20.74 -15.82 26.38
C GLU A 96 19.86 -16.31 27.57
N TYR A 97 19.13 -15.38 28.16
CA TYR A 97 18.19 -15.71 29.22
C TYR A 97 17.13 -16.73 28.78
N ASN A 98 16.52 -16.48 27.62
CA ASN A 98 15.50 -17.38 27.12
C ASN A 98 15.98 -18.74 26.59
N TYR A 99 17.20 -18.78 26.05
CA TYR A 99 17.90 -20.03 25.74
C TYR A 99 18.08 -20.81 27.03
N GLY A 100 18.55 -20.14 28.05
CA GLY A 100 18.71 -20.75 29.36
C GLY A 100 17.42 -21.33 29.92
N LEU A 101 16.33 -20.57 29.81
CA LEU A 101 15.02 -21.13 30.25
C LEU A 101 14.59 -22.35 29.43
N TYR A 102 14.72 -22.25 28.12
CA TYR A 102 14.36 -23.33 27.20
C TYR A 102 15.10 -24.59 27.62
N LYS A 103 16.40 -24.50 27.87
CA LYS A 103 17.17 -25.70 28.31
C LYS A 103 16.78 -26.22 29.71
N LYS A 104 16.56 -25.31 30.66
CA LYS A 104 16.15 -25.66 32.04
C LYS A 104 14.80 -26.39 32.02
N PHE A 105 13.93 -25.97 31.10
CA PHE A 105 12.60 -26.61 30.93
C PHE A 105 12.70 -27.92 30.18
N GLY A 106 13.91 -28.39 29.84
CA GLY A 106 14.08 -29.68 29.14
C GLY A 106 14.20 -29.62 27.63
N GLY A 107 14.37 -28.44 27.05
CA GLY A 107 14.34 -28.30 25.61
C GLY A 107 15.66 -28.75 24.97
N LYS A 108 15.55 -29.22 23.75
CA LYS A 108 16.70 -29.70 22.98
C LYS A 108 17.12 -28.66 21.93
N VAL A 109 18.40 -28.32 21.93
CA VAL A 109 18.99 -27.39 20.96
C VAL A 109 20.12 -28.07 20.22
N VAL A 110 20.21 -27.87 18.93
CA VAL A 110 21.40 -28.29 18.20
C VAL A 110 21.93 -27.03 17.53
N GLU A 111 23.22 -27.05 17.20
CA GLU A 111 23.84 -25.95 16.49
C GLU A 111 24.21 -26.33 15.06
N GLN A 112 24.09 -27.60 14.71
CA GLN A 112 24.37 -28.04 13.33
C GLN A 112 23.06 -28.39 12.61
N PHE A 113 22.93 -27.86 11.41
CA PHE A 113 21.75 -28.03 10.58
C PHE A 113 21.96 -29.12 9.52
N GLU A 114 21.06 -30.10 9.55
CA GLU A 114 21.06 -31.21 8.59
C GLU A 114 20.01 -31.01 7.47
N PRO A 115 20.40 -31.10 6.19
CA PRO A 115 19.42 -31.02 5.06
C PRO A 115 18.15 -31.89 5.25
N SER A 116 18.34 -33.13 5.68
CA SER A 116 17.22 -34.00 6.05
C SER A 116 16.42 -33.60 7.31
N ILE A 117 16.89 -32.62 8.10
CA ILE A 117 16.23 -32.29 9.39
C ILE A 117 14.77 -31.93 9.19
N LEU A 118 14.48 -31.22 8.09
CA LEU A 118 13.14 -30.75 7.78
C LEU A 118 12.12 -31.89 7.74
N ASN A 119 12.56 -33.07 7.31
CA ASN A 119 11.67 -34.26 7.22
C ASN A 119 10.93 -34.68 8.48
N GLU A 120 11.47 -34.43 9.67
CA GLU A 120 10.81 -34.92 10.88
C GLU A 120 9.92 -33.84 11.57
N PHE A 121 9.61 -32.76 10.85
CA PHE A 121 8.90 -31.61 11.43
C PHE A 121 7.81 -31.16 10.47
N ASP A 122 6.77 -30.56 11.02
CA ASP A 122 5.59 -30.14 10.25
C ASP A 122 5.53 -28.63 10.12
N VAL A 123 6.06 -27.96 11.16
CA VAL A 123 6.07 -26.49 11.21
C VAL A 123 7.47 -25.97 11.50
N VAL A 124 7.87 -24.95 10.71
CA VAL A 124 9.09 -24.22 10.90
C VAL A 124 8.74 -22.83 11.46
N VAL A 125 9.32 -22.51 12.62
CA VAL A 125 9.23 -21.21 13.17
C VAL A 125 10.52 -20.48 12.83
N ASP A 126 10.41 -19.40 12.07
CA ASP A 126 11.56 -18.64 11.57
C ASP A 126 11.87 -17.47 12.47
N ALA A 127 12.84 -17.66 13.36
CA ALA A 127 13.27 -16.60 14.30
C ALA A 127 14.76 -16.32 14.08
N ILE A 128 15.18 -16.38 12.82
CA ILE A 128 16.59 -16.15 12.48
C ILE A 128 16.94 -14.67 12.56
N PHE A 129 16.37 -13.87 11.67
CA PHE A 129 16.55 -12.39 11.69
C PHE A 129 15.24 -11.62 11.68
N GLY A 130 15.18 -10.56 12.47
CA GLY A 130 14.03 -9.66 12.46
C GLY A 130 14.45 -8.31 11.89
N THR A 131 14.20 -7.26 12.65
CA THR A 131 14.48 -5.91 12.19
C THR A 131 15.99 -5.62 12.28
N GLY A 132 16.77 -6.53 12.87
CA GLY A 132 18.22 -6.36 12.99
C GLY A 132 19.00 -6.89 11.80
N LEU A 133 18.32 -7.37 10.78
CA LEU A 133 19.03 -7.81 9.58
C LEU A 133 19.86 -6.66 9.03
N ARG A 134 21.13 -6.91 8.72
CA ARG A 134 21.96 -5.94 8.02
C ARG A 134 22.76 -6.68 6.94
N GLY A 135 22.61 -6.20 5.71
CA GLY A 135 23.32 -6.79 4.61
C GLY A 135 22.72 -8.10 4.14
N GLU A 136 23.28 -8.56 3.03
CA GLU A 136 22.88 -9.77 2.33
C GLU A 136 23.07 -11.02 3.22
N ILE A 137 22.15 -11.96 3.10
CA ILE A 137 22.28 -13.26 3.73
C ILE A 137 23.08 -14.24 2.85
N THR A 138 24.11 -14.82 3.45
CA THR A 138 25.00 -15.79 2.77
C THR A 138 25.30 -16.95 3.72
N GLY A 139 26.14 -17.88 3.27
CA GLY A 139 26.61 -18.96 4.12
C GLY A 139 25.50 -19.91 4.50
N GLU A 140 25.62 -20.50 5.69
CA GLU A 140 24.65 -21.44 6.24
C GLU A 140 23.34 -20.79 6.57
N TYR A 141 23.34 -19.48 6.71
CA TYR A 141 22.06 -18.79 6.90
C TYR A 141 21.26 -18.93 5.60
N ALA A 142 21.90 -18.60 4.49
CA ALA A 142 21.27 -18.67 3.19
C ALA A 142 20.85 -20.12 2.85
N GLU A 143 21.67 -21.10 3.21
CA GLU A 143 21.48 -22.49 2.79
C GLU A 143 20.28 -23.01 3.50
N ILE A 144 20.20 -22.67 4.77
CA ILE A 144 19.10 -23.11 5.57
C ILE A 144 17.75 -22.47 5.11
N ILE A 145 17.77 -21.15 4.83
CA ILE A 145 16.56 -20.44 4.35
C ILE A 145 16.10 -21.08 3.02
N ASN A 146 17.05 -21.41 2.15
CA ASN A 146 16.72 -22.03 0.87
C ASN A 146 16.13 -23.44 1.04
N LEU A 147 16.66 -24.17 2.00
CA LEU A 147 16.16 -25.49 2.34
C LEU A 147 14.73 -25.38 2.89
N VAL A 148 14.46 -24.37 3.72
CA VAL A 148 13.11 -24.17 4.25
C VAL A 148 12.12 -23.83 3.14
N ASN A 149 12.50 -22.89 2.26
CA ASN A 149 11.70 -22.55 1.08
C ASN A 149 11.41 -23.72 0.11
N LYS A 150 12.26 -24.73 0.07
CA LYS A 150 11.99 -25.91 -0.78
C LYS A 150 11.21 -26.99 -0.04
N SER A 151 10.93 -26.82 1.25
CA SER A 151 10.53 -27.98 2.05
C SER A 151 9.04 -28.30 1.98
N GLY A 152 8.23 -27.30 1.66
CA GLY A 152 6.77 -27.45 1.74
C GLY A 152 6.17 -27.50 3.14
N LYS A 153 6.96 -27.25 4.18
CA LYS A 153 6.38 -27.22 5.52
C LYS A 153 5.66 -25.89 5.74
N VAL A 154 4.81 -25.85 6.75
CA VAL A 154 4.19 -24.61 7.21
C VAL A 154 5.25 -23.70 7.84
N VAL A 155 5.35 -22.45 7.38
CA VAL A 155 6.35 -21.55 7.87
C VAL A 155 5.74 -20.34 8.54
N VAL A 156 6.17 -20.14 9.79
CA VAL A 156 5.68 -19.07 10.61
C VAL A 156 6.89 -18.21 10.91
N SER A 157 6.85 -16.96 10.47
CA SER A 157 7.94 -16.03 10.76
C SER A 157 7.64 -15.10 11.96
N VAL A 158 8.68 -14.96 12.76
CA VAL A 158 8.68 -14.10 13.90
C VAL A 158 9.12 -12.70 13.45
N ASP A 159 8.21 -11.75 13.63
CA ASP A 159 8.36 -10.30 13.33
C ASP A 159 8.38 -9.96 11.83
N VAL A 160 9.35 -10.47 11.12
CA VAL A 160 9.47 -10.29 9.70
C VAL A 160 10.13 -11.56 9.15
N PRO A 161 9.76 -11.95 7.95
CA PRO A 161 10.44 -13.09 7.35
C PRO A 161 11.92 -12.76 7.22
N SER A 162 12.77 -13.68 7.67
CA SER A 162 14.21 -13.44 7.69
C SER A 162 14.70 -13.19 6.30
N GLY A 163 15.42 -12.08 6.10
CA GLY A 163 15.89 -11.74 4.78
C GLY A 163 15.16 -10.57 4.15
N ILE A 164 13.98 -10.23 4.64
CA ILE A 164 13.32 -9.00 4.20
C ILE A 164 13.81 -7.81 5.01
N ASP A 165 14.20 -6.75 4.34
CA ASP A 165 14.57 -5.47 4.99
C ASP A 165 13.29 -4.81 5.46
N SER A 166 13.15 -4.63 6.78
CA SER A 166 11.88 -4.22 7.33
C SER A 166 11.51 -2.78 7.06
N ASN A 167 12.47 -1.98 6.59
CA ASN A 167 12.23 -0.60 6.24
C ASN A 167 11.88 -0.40 4.80
N THR A 168 12.18 -1.37 3.95
CA THR A 168 11.96 -1.18 2.53
C THR A 168 11.15 -2.33 1.86
N GLY A 169 11.10 -3.52 2.47
CA GLY A 169 10.46 -4.70 1.81
C GLY A 169 11.34 -5.41 0.79
N LYS A 170 12.56 -4.95 0.59
CA LYS A 170 13.49 -5.61 -0.31
C LYS A 170 14.02 -6.93 0.27
N VAL A 171 14.32 -7.85 -0.63
CA VAL A 171 14.95 -9.14 -0.27
C VAL A 171 16.48 -8.95 -0.24
N LEU A 172 17.11 -9.26 0.89
CA LEU A 172 18.57 -9.16 1.02
C LEU A 172 19.26 -10.49 0.63
N ARG A 173 19.33 -10.71 -0.68
CA ARG A 173 19.83 -11.93 -1.32
C ARG A 173 18.88 -13.12 -1.33
N THR A 174 18.43 -13.51 -0.15
CA THR A 174 17.41 -14.54 -0.07
C THR A 174 16.60 -14.28 1.19
N ALA A 175 15.36 -14.75 1.18
CA ALA A 175 14.46 -14.52 2.30
C ALA A 175 13.48 -15.63 2.42
N VAL A 176 12.99 -15.81 3.63
CA VAL A 176 12.05 -16.86 3.93
C VAL A 176 10.70 -16.49 3.37
N LYS A 177 10.03 -17.43 2.74
CA LYS A 177 8.64 -17.26 2.36
C LYS A 177 7.72 -17.87 3.43
N ALA A 178 6.98 -17.04 4.13
CA ALA A 178 6.14 -17.49 5.27
C ALA A 178 4.66 -17.73 4.90
N ASP A 179 4.00 -18.66 5.56
CA ASP A 179 2.51 -18.77 5.50
C ASP A 179 1.89 -17.72 6.43
N LEU A 180 2.59 -17.48 7.55
CA LEU A 180 2.09 -16.57 8.57
C LEU A 180 3.26 -15.81 9.15
N THR A 181 3.10 -14.48 9.28
CA THR A 181 4.05 -13.65 9.99
C THR A 181 3.34 -13.01 11.15
N VAL A 182 3.94 -13.11 12.32
CA VAL A 182 3.45 -12.41 13.51
C VAL A 182 4.38 -11.26 13.86
N THR A 183 3.88 -10.03 13.73
CA THR A 183 4.69 -8.86 14.00
C THR A 183 4.23 -8.13 15.27
N PHE A 184 5.09 -7.29 15.84
CA PHE A 184 4.84 -6.79 17.19
C PHE A 184 4.61 -5.30 17.17
N GLY A 185 3.49 -4.89 17.74
CA GLY A 185 3.13 -3.48 17.85
C GLY A 185 2.50 -2.87 16.59
N VAL A 186 3.25 -2.77 15.51
CA VAL A 186 2.77 -2.11 14.30
C VAL A 186 3.28 -2.90 13.09
N PRO A 187 2.54 -2.89 11.99
CA PRO A 187 3.17 -3.46 10.80
C PRO A 187 4.42 -2.63 10.40
N LYS A 188 5.40 -3.29 9.81
CA LYS A 188 6.58 -2.65 9.31
C LYS A 188 6.43 -2.41 7.84
N ILE A 189 7.18 -1.43 7.36
CA ILE A 189 7.13 -1.10 5.94
C ILE A 189 7.40 -2.31 5.04
N GLY A 190 8.27 -3.20 5.50
CA GLY A 190 8.61 -4.41 4.74
C GLY A 190 7.54 -5.49 4.63
N HIS A 191 6.47 -5.39 5.42
CA HIS A 191 5.31 -6.23 5.26
C HIS A 191 4.33 -5.63 4.27
N ILE A 192 4.51 -4.34 3.92
CA ILE A 192 3.55 -3.54 3.14
C ILE A 192 3.99 -3.36 1.69
N LEU A 193 5.29 -3.14 1.50
CA LEU A 193 5.87 -3.11 0.19
C LEU A 193 6.38 -4.47 -0.27
N PHE A 194 6.34 -4.63 -1.58
CA PHE A 194 6.75 -5.88 -2.24
C PHE A 194 8.23 -5.75 -2.57
N PRO A 195 8.99 -6.86 -2.61
CA PRO A 195 8.49 -8.25 -2.47
C PRO A 195 8.14 -8.69 -1.07
N GLY A 196 8.49 -7.90 -0.08
CA GLY A 196 8.23 -8.26 1.31
C GLY A 196 6.77 -8.62 1.61
N ARG A 197 5.85 -7.85 1.09
CA ARG A 197 4.45 -8.12 1.28
C ARG A 197 4.08 -9.52 0.85
N ASP A 198 4.64 -9.97 -0.25
CA ASP A 198 4.39 -11.31 -0.75
C ASP A 198 5.02 -12.42 0.17
N LEU A 199 6.21 -12.18 0.67
CA LEU A 199 6.87 -13.18 1.48
C LEU A 199 6.32 -13.29 2.90
N THR A 200 5.59 -12.26 3.35
CA THR A 200 4.99 -12.19 4.67
C THR A 200 3.85 -13.20 4.83
N GLY A 201 3.13 -13.52 3.73
CA GLY A 201 1.97 -14.35 3.80
C GLY A 201 0.93 -13.63 4.66
N LYS A 202 0.15 -14.37 5.48
CA LYS A 202 -0.82 -13.74 6.34
C LYS A 202 -0.16 -13.03 7.51
N LEU A 203 -0.49 -11.74 7.72
CA LEU A 203 0.14 -10.92 8.71
C LEU A 203 -0.79 -10.72 9.91
N LYS A 204 -0.33 -11.09 11.10
CA LYS A 204 -1.02 -10.71 12.33
C LYS A 204 -0.15 -9.73 13.12
N VAL A 205 -0.77 -8.64 13.58
CA VAL A 205 -0.07 -7.60 14.35
C VAL A 205 -0.49 -7.79 15.79
N ALA A 206 0.47 -8.09 16.63
CA ALA A 206 0.24 -8.47 18.04
C ALA A 206 0.54 -7.31 18.95
N ASN A 207 -0.31 -7.15 19.94
CA ASN A 207 -0.10 -6.20 21.00
C ASN A 207 0.78 -6.91 22.03
N ILE A 208 1.99 -6.39 22.26
CA ILE A 208 2.90 -7.01 23.26
C ILE A 208 3.15 -6.13 24.49
N GLY A 209 2.40 -5.04 24.59
CA GLY A 209 2.30 -4.26 25.83
C GLY A 209 2.89 -2.88 25.73
N HIS A 210 3.29 -2.45 24.53
CA HIS A 210 3.68 -1.03 24.36
C HIS A 210 2.57 -0.08 24.73
N PRO A 211 2.92 1.08 25.32
CA PRO A 211 1.84 2.02 25.57
C PRO A 211 1.15 2.37 24.25
N VAL A 212 -0.17 2.45 24.32
CA VAL A 212 -0.97 2.74 23.14
C VAL A 212 -0.60 4.09 22.45
N HIS A 213 -0.29 5.11 23.25
CA HIS A 213 0.22 6.41 22.78
C HIS A 213 1.45 6.29 21.88
N LEU A 214 2.38 5.42 22.24
CA LEU A 214 3.53 5.20 21.39
C LEU A 214 3.16 4.51 20.08
N ILE A 215 2.32 3.48 20.17
CA ILE A 215 1.87 2.75 18.98
C ILE A 215 1.20 3.70 17.99
N ASN A 216 0.31 4.56 18.47
CA ASN A 216 -0.45 5.50 17.62
C ASN A 216 0.35 6.62 17.02
N SER A 217 1.58 6.84 17.49
CA SER A 217 2.35 7.99 17.04
C SER A 217 3.15 7.73 15.76
N ILE A 218 3.02 6.56 15.13
CA ILE A 218 3.78 6.25 13.92
C ILE A 218 3.22 7.06 12.74
N ASN A 219 4.08 7.65 11.92
CA ASN A 219 3.68 8.64 10.91
C ASN A 219 3.31 8.06 9.52
N ARG A 220 3.48 6.75 9.39
CA ARG A 220 3.26 6.05 8.12
C ARG A 220 2.40 4.84 8.40
N TYR A 221 1.28 4.70 7.68
CA TYR A 221 0.41 3.55 7.97
C TYR A 221 -0.50 3.14 6.84
N VAL A 222 -1.18 2.04 7.11
CA VAL A 222 -1.97 1.35 6.14
C VAL A 222 -3.34 1.96 6.18
N ILE A 223 -3.91 2.17 5.00
CA ILE A 223 -5.25 2.70 4.91
C ILE A 223 -6.23 1.58 5.23
N THR A 224 -7.00 1.76 6.31
CA THR A 224 -7.96 0.73 6.73
C THR A 224 -9.38 1.07 6.40
N ARG A 225 -10.23 0.05 6.52
CA ARG A 225 -11.63 0.20 6.28
C ARG A 225 -12.24 1.31 7.20
N GLU A 226 -11.79 1.35 8.44
CA GLU A 226 -12.37 2.28 9.43
C GLU A 226 -11.97 3.69 9.09
N MET A 227 -10.72 3.88 8.72
CA MET A 227 -10.29 5.18 8.26
C MET A 227 -11.12 5.65 7.04
N VAL A 228 -11.36 4.80 6.07
CA VAL A 228 -12.11 5.20 4.89
C VAL A 228 -13.58 5.45 5.26
N ARG A 229 -14.17 4.59 6.10
CA ARG A 229 -15.56 4.82 6.57
C ARG A 229 -15.73 6.22 7.19
N SER A 230 -14.83 6.61 8.08
CA SER A 230 -14.98 7.93 8.71
C SER A 230 -14.67 9.12 7.80
N LEU A 231 -14.01 8.90 6.65
CA LEU A 231 -13.75 9.97 5.69
C LEU A 231 -14.84 10.12 4.62
N LEU A 232 -15.64 9.10 4.39
CA LEU A 232 -16.66 9.20 3.32
C LEU A 232 -17.58 10.41 3.53
N PRO A 233 -17.78 11.26 2.52
CA PRO A 233 -18.67 12.40 2.82
C PRO A 233 -20.12 12.05 3.18
N GLU A 234 -20.73 12.93 3.93
CA GLU A 234 -22.13 12.83 4.33
C GLU A 234 -23.08 13.05 3.15
N ARG A 235 -24.20 12.34 3.20
CA ARG A 235 -25.25 12.51 2.22
C ARG A 235 -26.51 12.99 2.94
N PRO A 236 -26.56 14.27 3.30
CA PRO A 236 -27.76 14.75 4.01
C PRO A 236 -28.96 14.62 3.08
N ARG A 237 -30.10 14.22 3.63
CA ARG A 237 -31.28 14.01 2.81
C ARG A 237 -31.75 15.26 2.08
N ASP A 238 -31.65 16.42 2.70
CA ASP A 238 -32.04 17.61 1.99
C ASP A 238 -30.87 18.17 1.16
N SER A 239 -30.66 17.62 0.00
CA SER A 239 -29.48 17.94 -0.81
C SER A 239 -29.94 17.99 -2.26
N HIS A 240 -29.06 18.48 -3.15
CA HIS A 240 -29.34 18.46 -4.57
C HIS A 240 -27.99 18.34 -5.23
N LYS A 241 -27.99 18.24 -6.53
CA LYS A 241 -26.75 18.03 -7.22
C LYS A 241 -25.60 19.00 -6.86
N GLY A 242 -25.92 20.27 -6.63
CA GLY A 242 -24.96 21.28 -6.20
C GLY A 242 -24.30 20.99 -4.87
N THR A 243 -25.03 20.33 -3.98
CA THR A 243 -24.43 19.84 -2.73
C THR A 243 -23.20 18.99 -2.97
N TYR A 244 -23.21 18.16 -4.04
CA TYR A 244 -22.20 17.18 -4.28
C TYR A 244 -21.11 17.60 -5.31
N GLY A 245 -21.05 18.91 -5.61
CA GLY A 245 -20.02 19.48 -6.48
C GLY A 245 -20.03 19.18 -7.97
N LYS A 246 -19.13 19.86 -8.66
CA LYS A 246 -18.97 19.80 -10.10
C LYS A 246 -17.52 19.54 -10.41
N VAL A 247 -17.29 18.66 -11.36
CA VAL A 247 -15.98 18.31 -11.88
C VAL A 247 -15.95 18.66 -13.39
N LEU A 248 -14.83 19.20 -13.85
CA LEU A 248 -14.50 19.25 -15.24
C LEU A 248 -13.33 18.30 -15.45
N ILE A 249 -13.43 17.47 -16.47
CA ILE A 249 -12.36 16.64 -16.94
C ILE A 249 -11.90 17.09 -18.33
N ILE A 250 -10.64 17.50 -18.42
CA ILE A 250 -10.03 17.83 -19.66
C ILE A 250 -9.18 16.63 -20.08
N ALA A 251 -9.61 15.94 -21.14
CA ALA A 251 -9.09 14.62 -21.44
C ALA A 251 -9.32 14.27 -22.89
N GLY A 252 -8.59 13.28 -23.37
CA GLY A 252 -8.89 12.69 -24.63
C GLY A 252 -8.20 13.38 -25.80
N SER A 253 -8.31 12.76 -26.95
CA SER A 253 -7.65 13.16 -28.16
C SER A 253 -8.15 12.27 -29.29
N ARG A 254 -7.69 12.52 -30.51
CA ARG A 254 -8.02 11.67 -31.66
C ARG A 254 -7.48 10.23 -31.42
N LEU A 255 -6.39 10.12 -30.66
CA LEU A 255 -5.81 8.81 -30.34
C LEU A 255 -6.53 8.06 -29.25
N TYR A 256 -7.02 8.79 -28.26
CA TYR A 256 -7.52 8.18 -27.06
C TYR A 256 -8.91 8.70 -26.74
N SER A 257 -9.92 8.13 -27.37
CA SER A 257 -11.29 8.64 -27.23
C SER A 257 -12.00 8.06 -26.06
N GLY A 258 -11.49 6.95 -25.49
CA GLY A 258 -12.17 6.26 -24.36
C GLY A 258 -11.80 6.70 -22.94
N ALA A 259 -10.55 7.11 -22.72
CA ALA A 259 -10.09 7.55 -21.41
C ALA A 259 -10.98 8.60 -20.69
N PRO A 260 -11.50 9.62 -21.42
CA PRO A 260 -12.38 10.63 -20.80
C PRO A 260 -13.63 10.02 -20.14
N VAL A 261 -14.19 9.03 -20.82
CA VAL A 261 -15.36 8.33 -20.39
C VAL A 261 -15.10 7.60 -19.06
N LEU A 262 -13.98 6.94 -18.96
CA LEU A 262 -13.66 6.17 -17.74
C LEU A 262 -13.46 7.12 -16.58
N SER A 263 -12.80 8.26 -16.81
CA SER A 263 -12.61 9.27 -15.77
C SER A 263 -13.92 9.90 -15.33
N GLY A 264 -14.78 10.27 -16.30
CA GLY A 264 -16.05 10.93 -16.02
C GLY A 264 -16.94 10.02 -15.22
N MET A 265 -17.08 8.78 -15.63
CA MET A 265 -17.88 7.83 -14.84
C MET A 265 -17.28 7.52 -13.49
N GLY A 266 -15.96 7.59 -13.40
CA GLY A 266 -15.32 7.48 -12.09
C GLY A 266 -15.80 8.54 -11.11
N SER A 267 -15.85 9.80 -11.54
CA SER A 267 -16.47 10.85 -10.75
C SER A 267 -17.94 10.60 -10.42
N LEU A 268 -18.75 10.22 -11.41
CA LEU A 268 -20.16 9.97 -11.08
C LEU A 268 -20.43 8.84 -10.10
N LYS A 269 -19.73 7.75 -10.24
CA LYS A 269 -19.96 6.57 -9.38
C LYS A 269 -19.58 6.79 -7.92
N VAL A 270 -18.79 7.83 -7.58
CA VAL A 270 -18.42 8.10 -6.15
C VAL A 270 -19.35 9.19 -5.54
N GLY A 271 -20.28 9.68 -6.36
CA GLY A 271 -21.38 10.52 -5.81
C GLY A 271 -21.32 11.98 -6.20
N THR A 272 -20.53 12.31 -7.20
CA THR A 272 -20.36 13.72 -7.64
C THR A 272 -21.65 14.21 -8.25
N GLY A 273 -21.99 15.48 -8.06
CA GLY A 273 -23.28 15.95 -8.55
C GLY A 273 -23.41 16.19 -10.06
N LEU A 274 -22.33 16.67 -10.64
CA LEU A 274 -22.31 17.00 -12.03
C LEU A 274 -20.88 16.82 -12.59
N VAL A 275 -20.80 16.13 -13.70
CA VAL A 275 -19.54 15.87 -14.39
C VAL A 275 -19.58 16.32 -15.85
N LYS A 276 -18.63 17.16 -16.20
CA LYS A 276 -18.46 17.58 -17.58
C LYS A 276 -17.12 17.18 -18.07
N LEU A 277 -17.07 16.67 -19.27
CA LEU A 277 -15.82 16.42 -20.01
C LEU A 277 -15.63 17.51 -21.05
N ALA A 278 -14.38 17.86 -21.32
CA ALA A 278 -14.00 18.66 -22.48
C ALA A 278 -13.02 17.76 -23.27
N VAL A 279 -13.43 17.41 -24.49
CA VAL A 279 -12.81 16.39 -25.31
C VAL A 279 -12.89 16.89 -26.77
N PRO A 280 -11.80 16.73 -27.53
CA PRO A 280 -11.82 17.10 -28.93
C PRO A 280 -12.94 16.44 -29.71
N PHE A 281 -13.60 17.26 -30.53
CA PHE A 281 -14.66 16.84 -31.41
C PHE A 281 -14.02 16.08 -32.54
N PRO A 282 -14.62 14.94 -32.97
CA PRO A 282 -15.90 14.34 -32.59
C PRO A 282 -15.77 13.30 -31.49
N GLN A 283 -14.60 13.20 -30.87
CA GLN A 283 -14.36 12.13 -29.90
C GLN A 283 -15.21 12.37 -28.66
N ASN A 284 -15.61 13.62 -28.42
CA ASN A 284 -16.47 13.91 -27.27
C ASN A 284 -17.78 13.13 -27.35
N LEU A 285 -18.25 12.86 -28.55
CA LEU A 285 -19.55 12.17 -28.72
C LEU A 285 -19.53 10.70 -28.28
N ILE A 286 -18.35 10.11 -28.23
CA ILE A 286 -18.16 8.74 -27.76
C ILE A 286 -18.69 8.54 -26.34
N ALA A 287 -18.49 9.55 -25.48
CA ALA A 287 -18.80 9.44 -24.07
C ALA A 287 -20.28 9.31 -23.83
N THR A 288 -21.07 10.15 -24.51
CA THR A 288 -22.47 10.14 -24.30
C THR A 288 -23.15 9.00 -25.04
N SER A 289 -22.53 8.45 -26.09
CA SER A 289 -23.08 7.29 -26.73
C SER A 289 -23.08 6.11 -25.77
N ARG A 290 -22.13 6.10 -24.84
CA ARG A 290 -22.05 5.00 -23.88
C ARG A 290 -22.76 5.30 -22.50
N PHE A 291 -22.61 6.53 -22.03
CA PHE A 291 -23.17 6.98 -20.78
C PHE A 291 -23.77 8.36 -20.99
N PRO A 292 -25.03 8.41 -21.37
CA PRO A 292 -25.65 9.68 -21.70
C PRO A 292 -25.85 10.59 -20.49
N GLU A 293 -25.67 10.08 -19.26
CA GLU A 293 -25.65 10.95 -18.08
C GLU A 293 -24.42 11.88 -18.08
N LEU A 294 -23.38 11.59 -18.86
CA LEU A 294 -22.23 12.49 -18.87
C LEU A 294 -22.56 13.68 -19.75
N ILE A 295 -21.96 14.82 -19.42
CA ILE A 295 -21.93 15.94 -20.32
C ILE A 295 -20.54 15.92 -20.96
N SER A 296 -20.50 15.98 -22.27
CA SER A 296 -19.23 15.91 -22.99
C SER A 296 -19.13 17.04 -24.01
N VAL A 297 -18.41 18.07 -23.66
CA VAL A 297 -18.36 19.28 -24.46
C VAL A 297 -17.38 19.13 -25.64
N PRO A 298 -17.82 19.49 -26.86
CA PRO A 298 -16.92 19.33 -28.00
C PRO A 298 -15.89 20.44 -27.99
N ILE A 299 -14.62 20.12 -28.11
CA ILE A 299 -13.62 21.17 -28.22
C ILE A 299 -13.09 21.17 -29.68
N ASP A 300 -13.11 22.33 -30.35
CA ASP A 300 -12.66 22.43 -31.72
C ASP A 300 -11.14 22.44 -31.70
N THR A 301 -10.50 21.45 -32.33
CA THR A 301 -9.04 21.42 -32.39
C THR A 301 -8.55 21.41 -33.82
N GLU A 302 -7.29 21.80 -34.02
CA GLU A 302 -6.70 21.76 -35.34
C GLU A 302 -6.49 20.35 -35.85
N LYS A 303 -5.85 19.49 -35.03
CA LYS A 303 -5.42 18.16 -35.48
C LYS A 303 -5.82 17.04 -34.54
N GLY A 304 -6.75 17.27 -33.62
CA GLY A 304 -7.22 16.20 -32.77
C GLY A 304 -6.65 16.20 -31.38
N PHE A 305 -5.86 17.25 -31.07
CA PHE A 305 -5.24 17.39 -29.76
C PHE A 305 -5.46 18.79 -29.19
N PHE A 306 -5.61 18.84 -27.87
CA PHE A 306 -5.62 20.13 -27.21
C PHE A 306 -4.34 20.95 -27.48
N SER A 307 -4.50 22.27 -27.63
CA SER A 307 -3.37 23.19 -27.84
C SER A 307 -3.70 24.53 -27.21
N LEU A 308 -2.77 25.47 -27.29
CA LEU A 308 -3.00 26.81 -26.76
C LEU A 308 -4.23 27.50 -27.34
N GLN A 309 -4.63 27.13 -28.55
CA GLN A 309 -5.87 27.66 -29.15
C GLN A 309 -7.12 27.38 -28.26
N ASN A 310 -7.02 26.34 -27.42
CA ASN A 310 -8.12 25.97 -26.51
C ASN A 310 -8.02 26.45 -25.06
N LEU A 311 -7.00 27.24 -24.77
CA LEU A 311 -6.76 27.69 -23.41
C LEU A 311 -7.94 28.48 -22.83
N GLN A 312 -8.42 29.49 -23.57
CA GLN A 312 -9.44 30.36 -23.05
C GLN A 312 -10.74 29.60 -22.85
N GLU A 313 -11.09 28.70 -23.77
CA GLU A 313 -12.34 27.97 -23.56
C GLU A 313 -12.29 27.11 -22.29
N CYS A 314 -11.17 26.45 -22.04
CA CYS A 314 -11.05 25.58 -20.89
C CYS A 314 -11.08 26.35 -19.58
N LEU A 315 -10.46 27.52 -19.56
CA LEU A 315 -10.44 28.32 -18.35
C LEU A 315 -11.84 28.80 -18.09
N GLU A 316 -12.60 29.12 -19.15
CA GLU A 316 -14.01 29.47 -19.01
C GLU A 316 -14.89 28.36 -18.44
N LEU A 317 -14.73 27.16 -18.98
CA LEU A 317 -15.42 25.99 -18.49
C LEU A 317 -15.05 25.74 -17.01
N SER A 318 -13.80 26.07 -16.61
CA SER A 318 -13.33 25.86 -15.25
C SER A 318 -13.93 26.79 -14.20
N LYS A 319 -14.45 27.95 -14.61
CA LYS A 319 -14.95 28.91 -13.64
C LYS A 319 -16.13 28.36 -12.83
N ASP A 320 -16.90 27.45 -13.41
CA ASP A 320 -18.13 27.00 -12.81
C ASP A 320 -18.03 25.62 -12.22
N VAL A 321 -16.81 25.18 -11.85
CA VAL A 321 -16.60 23.86 -11.28
C VAL A 321 -15.80 23.97 -10.01
N ASP A 322 -15.81 22.88 -9.23
CA ASP A 322 -15.05 22.82 -7.99
C ASP A 322 -13.66 22.25 -8.20
N VAL A 323 -13.47 21.39 -9.19
CA VAL A 323 -12.17 20.72 -9.35
C VAL A 323 -12.05 20.42 -10.84
N VAL A 324 -10.83 20.43 -11.29
CA VAL A 324 -10.49 20.03 -12.66
C VAL A 324 -9.51 18.85 -12.65
N ALA A 325 -9.85 17.78 -13.36
CA ALA A 325 -8.92 16.69 -13.68
C ALA A 325 -8.43 16.88 -15.11
N ILE A 326 -7.14 16.70 -15.33
CA ILE A 326 -6.56 16.83 -16.64
C ILE A 326 -5.57 15.72 -16.91
N GLY A 327 -5.52 15.22 -18.14
CA GLY A 327 -4.44 14.32 -18.56
C GLY A 327 -4.79 13.00 -19.22
N PRO A 328 -5.84 12.32 -18.77
CA PRO A 328 -6.12 11.02 -19.37
C PRO A 328 -6.33 11.15 -20.85
N GLY A 329 -5.60 10.36 -21.61
CA GLY A 329 -5.73 10.36 -23.06
C GLY A 329 -5.37 11.64 -23.80
N LEU A 330 -4.66 12.58 -23.18
CA LEU A 330 -4.39 13.85 -23.93
C LEU A 330 -3.42 13.71 -25.09
N GLY A 331 -2.53 12.74 -25.01
CA GLY A 331 -1.40 12.69 -25.92
C GLY A 331 -0.24 13.49 -25.35
N ASN A 332 0.95 13.20 -25.86
CA ASN A 332 2.16 13.77 -25.36
C ASN A 332 2.89 14.31 -26.58
N ASN A 333 2.67 15.56 -26.89
CA ASN A 333 3.32 16.27 -27.98
C ASN A 333 3.42 17.73 -27.54
N GLU A 334 4.07 18.54 -28.35
CA GLU A 334 4.43 19.89 -27.93
C GLU A 334 3.27 20.84 -27.71
N HIS A 335 2.25 20.71 -28.52
CA HIS A 335 1.07 21.56 -28.37
C HIS A 335 0.33 21.18 -27.10
N VAL A 336 0.27 19.90 -26.79
CA VAL A 336 -0.30 19.46 -25.50
C VAL A 336 0.55 20.05 -24.38
N ARG A 337 1.85 19.91 -24.48
CA ARG A 337 2.73 20.37 -23.39
C ARG A 337 2.47 21.88 -23.06
N GLU A 338 2.40 22.72 -24.10
CA GLU A 338 2.16 24.18 -23.94
C GLU A 338 0.80 24.48 -23.31
N PHE A 339 -0.25 23.84 -23.82
CA PHE A 339 -1.57 23.94 -23.22
C PHE A 339 -1.58 23.53 -21.73
N VAL A 340 -1.11 22.33 -21.41
CA VAL A 340 -1.22 21.82 -20.02
C VAL A 340 -0.59 22.80 -19.01
N ASN A 341 0.64 23.21 -19.32
CA ASN A 341 1.41 24.09 -18.45
C ASN A 341 0.80 25.51 -18.32
N GLU A 342 0.41 26.12 -19.43
CA GLU A 342 -0.24 27.44 -19.36
C GLU A 342 -1.57 27.31 -18.61
N PHE A 343 -2.33 26.28 -18.89
CA PHE A 343 -3.58 26.08 -18.20
C PHE A 343 -3.39 25.94 -16.67
N LEU A 344 -2.52 25.03 -16.26
CA LEU A 344 -2.30 24.78 -14.81
C LEU A 344 -1.71 26.02 -14.08
N LYS A 345 -0.98 26.84 -14.81
CA LYS A 345 -0.42 28.06 -14.27
C LYS A 345 -1.51 29.09 -14.00
N THR A 346 -2.55 29.09 -14.81
CA THR A 346 -3.60 30.06 -14.65
C THR A 346 -4.81 29.55 -13.85
N LEU A 347 -5.04 28.25 -13.84
CA LEU A 347 -6.16 27.69 -13.14
C LEU A 347 -6.09 27.87 -11.63
N GLU A 348 -7.10 28.52 -11.04
CA GLU A 348 -7.16 28.69 -9.59
C GLU A 348 -8.25 27.82 -8.98
N LYS A 349 -8.16 26.52 -9.25
CA LYS A 349 -9.01 25.50 -8.68
C LYS A 349 -8.08 24.35 -8.34
N PRO A 350 -8.50 23.49 -7.41
CA PRO A 350 -7.80 22.21 -7.25
C PRO A 350 -7.70 21.45 -8.59
N ALA A 351 -6.55 20.86 -8.83
CA ALA A 351 -6.29 20.08 -10.06
C ALA A 351 -5.90 18.66 -9.72
N VAL A 352 -6.42 17.68 -10.44
CA VAL A 352 -5.97 16.31 -10.38
C VAL A 352 -5.25 16.03 -11.71
N ILE A 353 -3.95 15.73 -11.61
CA ILE A 353 -3.06 15.75 -12.78
C ILE A 353 -2.59 14.32 -13.00
N ASP A 354 -2.95 13.73 -14.15
CA ASP A 354 -2.69 12.30 -14.46
C ASP A 354 -2.07 12.14 -15.86
N ALA A 355 -1.43 10.99 -16.07
CA ALA A 355 -1.24 10.45 -17.41
C ALA A 355 -0.44 11.38 -18.24
N ASP A 356 -0.94 11.71 -19.43
CA ASP A 356 -0.16 12.59 -20.32
C ASP A 356 0.01 14.01 -19.79
N ALA A 357 -0.83 14.48 -18.88
CA ALA A 357 -0.58 15.81 -18.25
C ALA A 357 0.67 15.72 -17.35
N ILE A 358 0.90 14.58 -16.72
CA ILE A 358 2.15 14.40 -15.94
C ILE A 358 3.34 14.35 -16.89
N ASN A 359 3.20 13.57 -17.96
CA ASN A 359 4.27 13.40 -18.94
C ASN A 359 4.77 14.68 -19.59
N VAL A 360 3.95 15.73 -19.67
CA VAL A 360 4.41 17.02 -20.18
C VAL A 360 4.55 18.09 -19.10
N LEU A 361 4.33 17.75 -17.83
CA LEU A 361 4.26 18.72 -16.77
C LEU A 361 5.63 19.40 -16.56
N ASP A 362 5.65 20.74 -16.47
CA ASP A 362 6.83 21.43 -15.99
C ASP A 362 6.64 21.62 -14.48
N THR A 363 7.50 21.01 -13.66
CA THR A 363 7.18 20.95 -12.23
C THR A 363 7.28 22.33 -11.56
N SER A 364 7.98 23.28 -12.21
CA SER A 364 7.97 24.69 -11.74
C SER A 364 6.57 25.24 -11.62
N VAL A 365 5.69 24.83 -12.54
CA VAL A 365 4.30 25.23 -12.49
C VAL A 365 3.60 24.83 -11.18
N LEU A 366 3.88 23.64 -10.67
CA LEU A 366 3.31 23.22 -9.37
C LEU A 366 3.75 24.09 -8.26
N LYS A 367 5.03 24.53 -8.32
CA LYS A 367 5.57 25.37 -7.30
C LYS A 367 4.90 26.72 -7.27
N GLU A 368 4.50 27.24 -8.42
CA GLU A 368 3.94 28.61 -8.42
C GLU A 368 2.42 28.64 -8.25
N ARG A 369 1.77 27.47 -8.33
CA ARG A 369 0.35 27.42 -8.15
C ARG A 369 -0.01 27.69 -6.70
N LYS A 370 -1.05 28.51 -6.49
CA LYS A 370 -1.61 28.76 -5.14
C LYS A 370 -2.61 27.68 -4.78
N SER A 371 -3.39 27.23 -5.76
CA SER A 371 -4.32 26.14 -5.56
C SER A 371 -3.66 24.75 -5.42
N PRO A 372 -4.36 23.83 -4.74
CA PRO A 372 -3.81 22.49 -4.52
C PRO A 372 -3.78 21.60 -5.78
N ALA A 373 -3.03 20.52 -5.71
CA ALA A 373 -2.96 19.57 -6.80
C ALA A 373 -2.75 18.19 -6.20
N VAL A 374 -3.28 17.20 -6.91
CA VAL A 374 -2.91 15.81 -6.68
C VAL A 374 -2.34 15.28 -7.99
N LEU A 375 -1.22 14.56 -7.90
CA LEU A 375 -0.60 13.91 -9.06
C LEU A 375 -0.72 12.42 -8.90
N THR A 376 -1.13 11.73 -9.95
CA THR A 376 -1.35 10.26 -9.93
C THR A 376 -0.48 9.47 -10.92
N PRO A 377 0.86 9.54 -10.82
CA PRO A 377 1.67 8.74 -11.69
C PRO A 377 1.72 7.26 -11.32
N HIS A 378 1.84 6.39 -12.34
CA HIS A 378 2.51 5.09 -12.19
C HIS A 378 4.04 5.29 -12.24
N PRO A 379 4.82 4.27 -11.83
CA PRO A 379 6.26 4.44 -11.68
C PRO A 379 6.98 4.80 -12.97
N GLY A 380 6.46 4.34 -14.11
CA GLY A 380 7.00 4.75 -15.41
C GLY A 380 6.85 6.26 -15.63
N GLU A 381 5.73 6.81 -15.20
CA GLU A 381 5.51 8.25 -15.34
C GLU A 381 6.30 9.05 -14.31
N MET A 382 6.34 8.55 -13.07
CA MET A 382 7.15 9.18 -12.00
C MET A 382 8.63 9.20 -12.37
N ALA A 383 9.11 8.09 -12.91
CA ALA A 383 10.49 8.03 -13.37
C ALA A 383 10.79 9.15 -14.37
N ARG A 384 9.95 9.31 -15.38
CA ARG A 384 10.21 10.36 -16.41
C ARG A 384 10.06 11.74 -15.79
N LEU A 385 9.15 11.88 -14.82
CA LEU A 385 8.92 13.18 -14.20
C LEU A 385 10.18 13.65 -13.44
N VAL A 386 10.80 12.76 -12.63
CA VAL A 386 11.95 13.17 -11.80
C VAL A 386 13.28 12.77 -12.48
N LYS A 387 13.22 12.20 -13.67
CA LYS A 387 14.44 11.84 -14.44
C LYS A 387 15.30 10.80 -13.72
N LYS A 388 14.62 9.79 -13.21
CA LYS A 388 15.30 8.63 -12.59
C LYS A 388 14.79 7.34 -13.31
N THR A 389 15.36 6.21 -12.95
CA THR A 389 14.93 4.96 -13.51
C THR A 389 13.69 4.51 -12.74
N VAL A 390 12.85 3.71 -13.39
CA VAL A 390 11.69 3.08 -12.78
C VAL A 390 12.05 2.37 -11.48
N GLY A 391 13.11 1.58 -11.53
CA GLY A 391 13.56 0.82 -10.36
C GLY A 391 14.05 1.67 -9.19
N ASP A 392 14.48 2.90 -9.44
CA ASP A 392 14.81 3.78 -8.34
C ASP A 392 13.58 4.48 -7.73
N VAL A 393 12.46 4.61 -8.44
CA VAL A 393 11.28 5.32 -7.88
C VAL A 393 10.25 4.32 -7.35
N LYS A 394 10.28 3.09 -7.89
CA LYS A 394 9.29 2.12 -7.50
C LYS A 394 9.34 1.83 -5.99
N TYR A 395 8.21 1.96 -5.30
CA TYR A 395 8.15 1.79 -3.83
C TYR A 395 9.07 2.69 -3.01
N ASN A 396 9.52 3.81 -3.62
CA ASN A 396 10.47 4.69 -2.96
C ASN A 396 9.67 5.75 -2.23
N TYR A 397 9.22 5.42 -1.02
CA TYR A 397 8.28 6.33 -0.35
C TYR A 397 9.00 7.62 0.12
N GLU A 398 10.32 7.56 0.37
CA GLU A 398 11.05 8.77 0.77
C GLU A 398 11.15 9.76 -0.39
N LEU A 399 11.36 9.24 -1.60
CA LEU A 399 11.37 10.09 -2.79
C LEU A 399 9.98 10.69 -2.99
N ALA A 400 8.93 9.87 -2.89
CA ALA A 400 7.58 10.41 -2.96
C ALA A 400 7.29 11.56 -1.98
N GLU A 401 7.69 11.37 -0.72
CA GLU A 401 7.54 12.38 0.32
C GLU A 401 8.28 13.66 -0.01
N GLU A 402 9.52 13.52 -0.42
CA GLU A 402 10.33 14.70 -0.74
C GLU A 402 9.70 15.44 -1.90
N PHE A 403 9.24 14.71 -2.91
CA PHE A 403 8.58 15.32 -4.06
C PHE A 403 7.31 16.12 -3.65
N ALA A 404 6.44 15.46 -2.87
CA ALA A 404 5.21 16.11 -2.43
C ALA A 404 5.50 17.40 -1.62
N LYS A 405 6.47 17.33 -0.74
CA LYS A 405 6.82 18.44 0.11
C LYS A 405 7.41 19.59 -0.72
N GLU A 406 8.35 19.28 -1.61
CA GLU A 406 8.96 20.32 -2.46
C GLU A 406 7.98 20.99 -3.43
N ASN A 407 6.96 20.26 -3.89
CA ASN A 407 6.06 20.82 -4.91
C ASN A 407 4.72 21.15 -4.34
N ASP A 408 4.58 21.03 -3.03
CA ASP A 408 3.31 21.39 -2.37
C ASP A 408 2.11 20.68 -2.92
N CYS A 409 2.22 19.37 -3.15
CA CYS A 409 1.12 18.63 -3.68
C CYS A 409 0.87 17.35 -2.90
N VAL A 410 -0.13 16.60 -3.34
CA VAL A 410 -0.35 15.23 -2.93
C VAL A 410 0.14 14.37 -4.08
N LEU A 411 0.94 13.37 -3.74
CA LEU A 411 1.46 12.40 -4.70
C LEU A 411 0.88 11.03 -4.43
N VAL A 412 0.28 10.46 -5.46
CA VAL A 412 -0.35 9.15 -5.40
C VAL A 412 0.49 8.30 -6.36
N LEU A 413 1.38 7.50 -5.84
CA LEU A 413 2.27 6.67 -6.68
C LEU A 413 1.71 5.28 -6.80
N LYS A 414 1.12 5.00 -7.95
CA LYS A 414 0.31 3.77 -8.09
C LYS A 414 1.17 2.48 -8.29
N SER A 415 0.83 1.38 -7.63
CA SER A 415 1.47 0.10 -7.81
C SER A 415 0.64 -0.87 -6.99
N ALA A 416 1.07 -2.12 -6.85
CA ALA A 416 0.24 -3.11 -6.16
C ALA A 416 -0.01 -2.64 -4.73
N THR A 417 0.99 -2.04 -4.12
CA THR A 417 0.79 -1.22 -2.94
C THR A 417 0.95 0.22 -3.39
N THR A 418 -0.07 1.05 -3.14
CA THR A 418 -0.03 2.44 -3.60
C THR A 418 0.35 3.32 -2.43
N ILE A 419 1.28 4.24 -2.72
CA ILE A 419 1.72 5.22 -1.73
C ILE A 419 1.02 6.56 -1.96
N VAL A 420 0.43 7.10 -0.90
CA VAL A 420 -0.26 8.37 -0.92
C VAL A 420 0.41 9.28 0.09
N THR A 421 0.89 10.46 -0.34
CA THR A 421 1.63 11.31 0.62
C THR A 421 1.46 12.77 0.27
N ASP A 422 1.42 13.61 1.28
CA ASP A 422 1.56 15.06 1.06
C ASP A 422 2.92 15.61 1.55
N GLY A 423 3.82 14.70 1.93
CA GLY A 423 5.12 15.06 2.44
C GLY A 423 5.20 15.02 3.97
N GLU A 424 4.06 15.04 4.65
CA GLU A 424 4.05 14.98 6.11
C GLU A 424 3.51 13.63 6.54
N LYS A 425 2.39 13.24 5.96
CA LYS A 425 1.74 12.00 6.27
C LYS A 425 1.85 11.14 5.02
N THR A 426 2.14 9.86 5.20
CA THR A 426 2.23 8.90 4.11
C THR A 426 1.34 7.71 4.45
N LEU A 427 0.45 7.37 3.53
CA LEU A 427 -0.45 6.26 3.70
C LEU A 427 -0.16 5.18 2.65
N PHE A 428 -0.34 3.93 3.03
CA PHE A 428 -0.11 2.81 2.12
C PHE A 428 -1.43 2.08 1.85
N ASN A 429 -1.76 1.87 0.58
CA ASN A 429 -2.98 1.14 0.20
C ASN A 429 -2.64 -0.29 -0.22
N ILE A 430 -3.36 -1.23 0.36
CA ILE A 430 -3.15 -2.62 0.05
C ILE A 430 -4.41 -3.36 -0.49
N THR A 431 -5.46 -2.65 -0.87
CA THR A 431 -6.60 -3.31 -1.55
C THR A 431 -6.26 -3.42 -3.03
N GLY A 432 -6.97 -4.27 -3.75
CA GLY A 432 -6.74 -4.36 -5.20
C GLY A 432 -6.29 -5.76 -5.56
N ASN A 433 -6.15 -6.01 -6.86
CA ASN A 433 -5.58 -7.29 -7.31
C ASN A 433 -5.05 -7.01 -8.71
N THR A 434 -4.59 -8.04 -9.45
CA THR A 434 -3.99 -7.80 -10.77
C THR A 434 -5.00 -7.44 -11.88
N GLY A 435 -6.30 -7.43 -11.59
CA GLY A 435 -7.25 -6.92 -12.59
C GLY A 435 -7.10 -5.43 -12.83
N LEU A 436 -6.47 -4.72 -11.89
CA LEU A 436 -6.15 -3.31 -12.10
C LEU A 436 -4.89 -3.07 -12.95
N SER A 437 -4.09 -4.11 -13.20
CA SER A 437 -2.92 -4.02 -14.05
C SER A 437 -3.30 -4.10 -15.52
N LYS A 438 -4.07 -3.12 -15.97
CA LYS A 438 -4.63 -3.11 -17.28
C LYS A 438 -5.05 -1.68 -17.61
N GLY A 439 -4.82 -1.29 -18.85
CA GLY A 439 -5.09 0.09 -19.22
C GLY A 439 -6.51 0.50 -18.94
N GLY A 440 -6.67 1.70 -18.41
CA GLY A 440 -8.02 2.21 -18.11
C GLY A 440 -8.29 2.29 -16.63
N SER A 441 -7.65 1.44 -15.86
CA SER A 441 -7.96 1.37 -14.41
C SER A 441 -7.53 2.69 -13.71
N GLY A 442 -6.43 3.24 -14.17
CA GLY A 442 -5.92 4.56 -13.78
C GLY A 442 -6.79 5.74 -14.13
N ASP A 443 -7.39 5.70 -15.29
CA ASP A 443 -8.27 6.73 -15.73
C ASP A 443 -9.51 6.78 -14.82
N VAL A 444 -10.02 5.63 -14.40
CA VAL A 444 -11.08 5.60 -13.42
C VAL A 444 -10.66 6.24 -12.13
N LEU A 445 -9.50 5.86 -11.59
CA LEU A 445 -9.09 6.42 -10.30
C LEU A 445 -9.01 7.97 -10.31
N THR A 446 -8.51 8.52 -11.40
CA THR A 446 -8.42 9.98 -11.56
C THR A 446 -9.77 10.66 -11.35
N GLY A 447 -10.82 10.13 -12.02
CA GLY A 447 -12.21 10.56 -11.82
C GLY A 447 -12.67 10.42 -10.38
N MET A 448 -12.36 9.30 -9.74
CA MET A 448 -12.75 9.10 -8.33
C MET A 448 -12.20 10.17 -7.38
N ILE A 449 -10.91 10.47 -7.57
CA ILE A 449 -10.25 11.46 -6.74
C ILE A 449 -10.91 12.83 -6.93
N ALA A 450 -11.09 13.25 -8.19
CA ALA A 450 -11.69 14.57 -8.50
C ALA A 450 -13.08 14.62 -7.89
N GLY A 451 -13.79 13.49 -7.95
CA GLY A 451 -15.11 13.39 -7.42
C GLY A 451 -15.17 13.63 -5.92
N PHE A 452 -14.24 13.07 -5.19
CA PHE A 452 -14.31 13.22 -3.77
C PHE A 452 -13.86 14.61 -3.34
N ILE A 453 -12.95 15.18 -4.11
CA ILE A 453 -12.61 16.58 -3.88
C ILE A 453 -13.80 17.48 -4.11
N ALA A 454 -14.54 17.28 -5.19
CA ALA A 454 -15.72 18.07 -5.46
C ALA A 454 -16.76 17.98 -4.30
N GLN A 455 -16.79 16.83 -3.65
CA GLN A 455 -17.73 16.65 -2.55
C GLN A 455 -17.21 17.23 -1.21
N GLY A 456 -16.01 17.82 -1.19
CA GLY A 456 -15.54 18.46 0.02
C GLY A 456 -14.37 17.79 0.74
N LEU A 457 -13.88 16.66 0.27
CA LEU A 457 -12.69 16.13 0.92
C LEU A 457 -11.45 16.90 0.47
N SER A 458 -10.46 16.98 1.35
CA SER A 458 -9.18 17.57 1.01
C SER A 458 -8.53 16.69 -0.05
N PRO A 459 -7.59 17.24 -0.82
CA PRO A 459 -6.85 16.37 -1.74
C PRO A 459 -6.25 15.07 -1.12
N LEU A 460 -5.72 15.13 0.09
CA LEU A 460 -5.11 13.95 0.70
C LEU A 460 -6.23 12.96 1.07
N GLU A 461 -7.31 13.47 1.66
CA GLU A 461 -8.47 12.64 2.00
C GLU A 461 -9.09 12.01 0.80
N ALA A 462 -9.31 12.79 -0.28
CA ALA A 462 -9.93 12.29 -1.49
C ALA A 462 -9.09 11.13 -2.06
N SER A 463 -7.76 11.30 -2.00
CA SER A 463 -6.86 10.33 -2.56
C SER A 463 -6.89 9.04 -1.71
N THR A 464 -6.97 9.20 -0.40
CA THR A 464 -6.90 8.04 0.52
C THR A 464 -8.12 7.14 0.31
N VAL A 465 -9.27 7.76 0.29
CA VAL A 465 -10.56 7.09 0.06
C VAL A 465 -10.61 6.46 -1.31
N SER A 466 -10.17 7.17 -2.33
CA SER A 466 -10.29 6.66 -3.70
C SER A 466 -9.43 5.42 -3.95
N VAL A 467 -8.18 5.42 -3.48
CA VAL A 467 -7.28 4.29 -3.80
C VAL A 467 -7.80 3.06 -3.08
N TYR A 468 -8.37 3.25 -1.89
CA TYR A 468 -8.92 2.14 -1.14
C TYR A 468 -10.10 1.54 -1.88
N LEU A 469 -11.05 2.40 -2.25
CA LEU A 469 -12.31 1.96 -2.83
C LEU A 469 -12.09 1.37 -4.20
N HIS A 470 -11.16 1.96 -4.95
CA HIS A 470 -10.79 1.49 -6.32
C HIS A 470 -10.25 0.06 -6.25
N GLY A 471 -9.38 -0.22 -5.27
CA GLY A 471 -8.83 -1.55 -5.06
C GLY A 471 -9.88 -2.52 -4.55
N PHE A 472 -10.71 -2.06 -3.62
CA PHE A 472 -11.78 -2.88 -3.08
C PHE A 472 -12.83 -3.27 -4.16
N ALA A 473 -13.18 -2.32 -5.01
CA ALA A 473 -14.04 -2.63 -6.15
C ALA A 473 -13.49 -3.76 -7.06
N ALA A 474 -12.18 -3.74 -7.32
CA ALA A 474 -11.55 -4.82 -8.08
C ALA A 474 -11.68 -6.15 -7.42
N GLU A 475 -11.56 -6.19 -6.10
CA GLU A 475 -11.70 -7.42 -5.39
C GLU A 475 -13.12 -7.99 -5.38
N LEU A 476 -14.12 -7.18 -5.69
CA LEU A 476 -15.48 -7.65 -5.62
C LEU A 476 -15.89 -8.23 -6.99
N PHE A 477 -15.02 -8.19 -7.99
CA PHE A 477 -15.36 -8.77 -9.29
C PHE A 477 -15.60 -10.28 -9.05
N GLU A 478 -16.68 -10.76 -9.59
CA GLU A 478 -17.14 -12.10 -9.39
C GLU A 478 -16.37 -13.19 -10.15
N GLN A 479 -15.76 -12.87 -11.27
CA GLN A 479 -15.05 -13.91 -12.04
C GLN A 479 -13.52 -13.72 -11.91
N ASP A 480 -12.71 -14.35 -12.77
CA ASP A 480 -11.27 -14.27 -12.57
C ASP A 480 -10.79 -12.83 -12.80
N GLU A 481 -9.94 -12.37 -11.90
CA GLU A 481 -9.47 -10.96 -11.86
C GLU A 481 -8.78 -10.58 -13.17
N ARG A 482 -8.16 -11.51 -13.85
CA ARG A 482 -7.45 -11.08 -15.06
C ARG A 482 -8.40 -10.64 -16.18
N GLY A 483 -9.68 -10.99 -16.05
CA GLY A 483 -10.69 -10.59 -16.98
C GLY A 483 -11.38 -9.27 -16.65
N LEU A 484 -11.06 -8.65 -15.52
CA LEU A 484 -11.68 -7.41 -15.11
C LEU A 484 -11.30 -6.33 -16.08
N THR A 485 -12.26 -5.56 -16.56
CA THR A 485 -11.89 -4.39 -17.38
C THR A 485 -12.44 -3.14 -16.72
N ALA A 486 -11.96 -1.97 -17.17
CA ALA A 486 -12.31 -0.72 -16.55
C ALA A 486 -13.85 -0.46 -16.46
N SER A 487 -14.60 -0.92 -17.45
CA SER A 487 -16.05 -0.75 -17.46
C SER A 487 -16.70 -1.54 -16.34
N GLU A 488 -16.14 -2.71 -16.03
CA GLU A 488 -16.73 -3.54 -15.01
C GLU A 488 -16.35 -2.96 -13.66
N LEU A 489 -15.13 -2.43 -13.58
CA LEU A 489 -14.66 -1.76 -12.40
C LEU A 489 -15.64 -0.66 -11.99
N LEU A 490 -16.06 0.15 -12.95
CA LEU A 490 -16.99 1.23 -12.67
C LEU A 490 -18.28 0.75 -12.01
N ARG A 491 -18.82 -0.32 -12.55
CA ARG A 491 -20.08 -0.95 -12.03
C ARG A 491 -19.91 -1.40 -10.56
N LEU A 492 -18.70 -1.78 -10.15
CA LEU A 492 -18.48 -2.33 -8.83
C LEU A 492 -18.22 -1.25 -7.77
N ILE A 493 -17.90 -0.02 -8.17
CA ILE A 493 -17.63 1.06 -7.22
C ILE A 493 -18.79 1.22 -6.15
N PRO A 494 -20.06 1.33 -6.58
CA PRO A 494 -21.10 1.56 -5.61
C PRO A 494 -21.32 0.35 -4.66
N GLU A 495 -21.01 -0.87 -5.11
CA GLU A 495 -20.97 -2.01 -4.21
C GLU A 495 -19.82 -1.93 -3.18
N ALA A 496 -18.64 -1.49 -3.60
CA ALA A 496 -17.55 -1.22 -2.67
C ALA A 496 -17.97 -0.21 -1.58
N ILE A 497 -18.60 0.86 -2.00
CA ILE A 497 -19.09 1.89 -1.09
C ILE A 497 -20.11 1.29 -0.10
N ARG A 498 -21.06 0.53 -0.61
CA ARG A 498 -22.04 -0.10 0.29
C ARG A 498 -21.33 -0.99 1.31
N ARG A 499 -20.43 -1.84 0.86
CA ARG A 499 -19.73 -2.79 1.78
C ARG A 499 -18.82 -2.10 2.79
N LEU A 500 -18.23 -0.99 2.41
CA LEU A 500 -17.46 -0.17 3.32
C LEU A 500 -18.33 0.34 4.48
N LYS A 501 -19.56 0.74 4.16
CA LYS A 501 -20.52 1.13 5.17
C LYS A 501 -21.19 -0.14 5.65
N ALA B 1 -10.05 -8.84 19.17
CA ALA B 1 -9.29 -7.55 18.97
C ALA B 1 -8.21 -7.12 20.00
N TRP B 2 -8.27 -7.51 21.29
CA TRP B 2 -7.24 -7.04 22.25
C TRP B 2 -5.81 -7.46 21.85
N LEU B 3 -5.63 -8.74 21.45
CA LEU B 3 -4.28 -9.25 21.15
C LEU B 3 -3.81 -8.98 19.71
N PHE B 4 -4.71 -9.17 18.74
CA PHE B 4 -4.35 -9.16 17.31
C PHE B 4 -5.16 -8.14 16.52
N GLU B 5 -4.45 -7.43 15.63
CA GLU B 5 -4.99 -6.67 14.47
C GLU B 5 -4.56 -7.41 13.15
N ALA B 6 -5.37 -7.35 12.09
CA ALA B 6 -5.09 -8.13 10.83
C ALA B 6 -4.56 -7.25 9.69
#